data_5J4A
#
_entry.id   5J4A
#
_cell.length_a   54.472
_cell.length_b   73.260
_cell.length_c   110.028
_cell.angle_alpha   90.00
_cell.angle_beta   90.00
_cell.angle_gamma   90.00
#
_symmetry.space_group_name_H-M   'P 2 21 21'
#
loop_
_entity.id
_entity.type
_entity.pdbx_description
1 polymer 'tRNA nuclease CdiA'
2 polymer 'Immunity protein CdiI'
3 water water
#
loop_
_entity_poly.entity_id
_entity_poly.type
_entity_poly.pdbx_seq_one_letter_code
_entity_poly.pdbx_strand_id
1 'polypeptide(L)'
;MGASSGSNISASNGSSSPTTIVASNPVDLNAFDRLNVVDPAVGKFRPGEAGAAAELENYLGGTLQRAPQGSSVDFVFSSG
PNNGKTVDFMLTPDTVAQAAKINQFFDKNLNNFMNTLSDHAAAADFVPLASRFLSEANKTLLVKAIGNLPQKLQAKIILI
K
;
A,C
2 'polypeptide(L)'
;KMAGSIVISKEVRVPVSTSQFDYLVSRIGDQFHSSDMWIKDEVYLPMEEGGMSFISTESLNSSGLSIFLATVMRARAASQ
AEESFPLYENVWNQLVEKLRQDARLGVSGNTSLEHHHHHH
;
B,D
#
# COMPACT_ATOMS: atom_id res chain seq x y z
N ARG A 46 -9.64 13.48 13.02
CA ARG A 46 -9.29 14.71 13.73
C ARG A 46 -7.78 14.98 13.91
N PRO A 47 -7.00 13.98 14.41
CA PRO A 47 -5.62 14.36 14.77
C PRO A 47 -4.76 14.82 13.58
N GLY A 48 -4.84 14.13 12.44
CA GLY A 48 -4.14 14.57 11.25
C GLY A 48 -4.50 16.01 10.91
N GLU A 49 -5.77 16.30 10.70
CA GLU A 49 -6.18 17.65 10.36
C GLU A 49 -5.90 18.64 11.48
N ALA A 50 -6.06 18.20 12.73
CA ALA A 50 -5.79 19.07 13.88
C ALA A 50 -4.33 19.51 13.87
N GLY A 51 -3.42 18.56 13.68
CA GLY A 51 -2.00 18.86 13.61
C GLY A 51 -1.65 19.79 12.45
N ALA A 52 -2.24 19.50 11.29
CA ALA A 52 -2.01 20.32 10.11
C ALA A 52 -2.46 21.76 10.33
N ALA A 53 -3.60 21.93 10.99
CA ALA A 53 -4.15 23.26 11.21
C ALA A 53 -3.21 24.06 12.12
N ALA A 54 -2.68 23.40 13.13
CA ALA A 54 -1.76 24.02 14.08
C ALA A 54 -0.53 24.53 13.37
N GLU A 55 0.03 23.70 12.51
CA GLU A 55 1.22 24.09 11.76
C GLU A 55 0.90 25.22 10.79
N LEU A 56 -0.27 25.17 10.19
CA LEU A 56 -0.67 26.16 9.19
C LEU A 56 -0.81 27.53 9.85
N GLU A 57 -1.25 27.53 11.10
CA GLU A 57 -1.40 28.77 11.85
C GLU A 57 -0.08 29.53 12.00
N ASN A 58 1.04 28.82 12.04
CA ASN A 58 2.33 29.49 12.13
C ASN A 58 2.73 30.22 10.86
N TYR A 59 2.20 29.76 9.74
CA TYR A 59 2.56 30.36 8.44
C TYR A 59 1.49 31.30 7.90
N LEU A 60 0.24 31.08 8.27
CA LEU A 60 -0.85 31.92 7.76
C LEU A 60 -1.40 32.87 8.81
N GLY A 61 -0.95 32.71 10.05
CA GLY A 61 -1.33 33.62 11.12
C GLY A 61 -2.70 33.32 11.69
N GLY A 62 -3.11 34.13 12.66
CA GLY A 62 -4.43 34.02 13.28
C GLY A 62 -4.73 32.65 13.83
N THR A 63 -6.03 32.34 13.97
CA THR A 63 -6.46 31.06 14.50
C THR A 63 -7.30 30.31 13.47
N LEU A 64 -7.14 28.99 13.41
CA LEU A 64 -7.89 28.14 12.48
C LEU A 64 -8.92 27.30 13.21
N GLN A 65 -10.20 27.55 12.95
CA GLN A 65 -11.28 26.80 13.61
C GLN A 65 -12.00 25.86 12.65
N ARG A 66 -12.27 24.63 13.13
CA ARG A 66 -13.10 23.69 12.41
C ARG A 66 -14.38 24.42 12.01
N ALA A 67 -14.76 24.29 10.74
CA ALA A 67 -15.96 24.94 10.23
C ALA A 67 -17.18 24.36 10.94
N PRO A 68 -18.31 25.10 10.95
CA PRO A 68 -19.51 24.60 11.63
C PRO A 68 -20.06 23.36 10.93
N GLN A 69 -20.82 22.53 11.64
CA GLN A 69 -21.40 21.32 11.07
C GLN A 69 -22.21 21.66 9.82
N GLY A 70 -22.01 20.91 8.75
CA GLY A 70 -22.75 21.13 7.52
C GLY A 70 -22.05 22.07 6.54
N SER A 71 -20.88 22.56 6.92
CA SER A 71 -20.08 23.37 6.01
C SER A 71 -19.47 22.52 4.89
N SER A 72 -19.26 23.12 3.74
CA SER A 72 -18.62 22.44 2.65
C SER A 72 -17.08 22.52 2.76
N VAL A 73 -16.59 23.33 3.70
CA VAL A 73 -15.15 23.38 3.97
C VAL A 73 -14.80 22.76 5.32
N ASP A 74 -13.50 22.57 5.57
CA ASP A 74 -13.07 21.92 6.80
C ASP A 74 -12.84 22.91 7.93
N PHE A 75 -12.03 23.93 7.64
CA PHE A 75 -11.65 24.91 8.65
C PHE A 75 -11.83 26.33 8.13
N VAL A 76 -11.97 27.29 9.04
CA VAL A 76 -12.04 28.70 8.65
C VAL A 76 -11.15 29.51 9.59
N PHE A 77 -10.42 30.47 9.05
CA PHE A 77 -9.62 31.35 9.88
C PHE A 77 -10.53 32.28 10.66
N SER A 78 -10.38 32.28 11.98
CA SER A 78 -11.19 33.14 12.84
C SER A 78 -10.49 34.44 13.24
N SER A 79 -9.22 34.58 12.86
CA SER A 79 -8.48 35.83 13.08
C SER A 79 -7.22 35.89 12.22
N GLY A 80 -6.49 37.00 12.33
CA GLY A 80 -5.24 37.15 11.62
C GLY A 80 -5.45 37.70 10.22
N PRO A 81 -4.36 37.79 9.44
CA PRO A 81 -4.42 38.42 8.11
C PRO A 81 -5.21 37.60 7.11
N ASN A 82 -5.47 36.34 7.42
CA ASN A 82 -6.29 35.50 6.55
C ASN A 82 -7.66 35.21 7.14
N ASN A 83 -8.05 36.02 8.13
CA ASN A 83 -9.34 35.91 8.80
C ASN A 83 -10.47 35.78 7.78
N GLY A 84 -11.33 34.78 7.98
CA GLY A 84 -12.43 34.55 7.08
C GLY A 84 -12.13 33.57 5.95
N LYS A 85 -10.84 33.32 5.68
CA LYS A 85 -10.51 32.44 4.57
C LYS A 85 -10.69 30.97 4.92
N THR A 86 -11.04 30.15 3.93
CA THR A 86 -11.39 28.75 4.14
C THR A 86 -10.25 27.80 3.79
N VAL A 87 -10.25 26.64 4.43
CA VAL A 87 -9.16 25.69 4.31
C VAL A 87 -9.76 24.29 4.19
N ASP A 88 -9.38 23.55 3.15
CA ASP A 88 -9.70 22.13 3.03
C ASP A 88 -8.41 21.35 3.12
N PHE A 89 -8.35 20.32 3.96
CA PHE A 89 -7.13 19.53 4.08
C PHE A 89 -7.25 18.25 3.28
N MET A 90 -6.13 17.75 2.78
CA MET A 90 -6.06 16.37 2.33
C MET A 90 -4.68 15.88 2.69
N LEU A 91 -4.50 14.57 2.60
CA LEU A 91 -3.26 13.90 2.96
C LEU A 91 -2.81 14.30 4.36
N THR A 92 -3.69 14.12 5.34
CA THR A 92 -3.33 14.38 6.73
C THR A 92 -3.68 13.13 7.53
N PRO A 93 -2.95 12.04 7.28
CA PRO A 93 -3.29 10.74 7.89
C PRO A 93 -3.29 10.86 9.40
N ASP A 94 -4.21 10.13 10.03
CA ASP A 94 -4.39 10.16 11.47
C ASP A 94 -3.48 9.19 12.21
N THR A 95 -3.02 8.14 11.51
CA THR A 95 -2.21 7.10 12.12
C THR A 95 -1.04 6.70 11.23
N VAL A 96 -0.08 5.99 11.83
CA VAL A 96 1.05 5.47 11.08
C VAL A 96 0.56 4.47 10.06
N ALA A 97 -0.38 3.62 10.47
CA ALA A 97 -0.98 2.64 9.58
C ALA A 97 -1.61 3.29 8.36
N GLN A 98 -2.32 4.40 8.56
CA GLN A 98 -3.00 5.05 7.45
C GLN A 98 -1.99 5.63 6.47
N ALA A 99 -0.94 6.27 7.00
CA ALA A 99 0.10 6.84 6.15
C ALA A 99 0.74 5.75 5.29
N ALA A 100 0.92 4.57 5.86
CA ALA A 100 1.46 3.44 5.11
C ALA A 100 0.52 3.04 3.97
N LYS A 101 -0.78 3.01 4.25
CA LYS A 101 -1.76 2.66 3.22
C LYS A 101 -1.74 3.67 2.09
N ILE A 102 -1.69 4.94 2.45
CA ILE A 102 -1.67 5.99 1.44
C ILE A 102 -0.44 5.79 0.56
N ASN A 103 0.70 5.55 1.19
CA ASN A 103 1.94 5.36 0.46
C ASN A 103 1.92 4.16 -0.46
N GLN A 104 1.36 3.04 0.02
CA GLN A 104 1.43 1.79 -0.77
C GLN A 104 0.60 1.86 -2.06
N PHE A 105 -0.52 2.56 -2.00
CA PHE A 105 -1.43 2.60 -3.14
C PHE A 105 -1.62 4.00 -3.75
N PHE A 106 -0.67 4.90 -3.49
CA PHE A 106 -0.77 6.29 -3.97
C PHE A 106 -0.92 6.34 -5.49
N ASP A 107 -0.17 5.50 -6.20
CA ASP A 107 -0.23 5.51 -7.65
C ASP A 107 -1.59 5.04 -8.18
N LYS A 108 -2.18 4.10 -7.48
CA LYS A 108 -3.44 3.53 -7.90
C LYS A 108 -4.53 4.57 -7.71
N ASN A 109 -4.36 5.40 -6.70
CA ASN A 109 -5.40 6.34 -6.33
C ASN A 109 -5.12 7.74 -6.81
N LEU A 110 -4.05 7.90 -7.57
CA LEU A 110 -3.57 9.24 -7.88
C LEU A 110 -4.59 10.09 -8.65
N ASN A 111 -5.18 9.52 -9.70
CA ASN A 111 -6.11 10.29 -10.53
C ASN A 111 -7.31 10.80 -9.75
N ASN A 112 -7.95 9.93 -8.99
CA ASN A 112 -9.07 10.35 -8.15
C ASN A 112 -8.61 11.33 -7.10
N PHE A 113 -7.43 11.11 -6.55
CA PHE A 113 -6.94 12.04 -5.54
C PHE A 113 -6.76 13.45 -6.14
N MET A 114 -6.15 13.52 -7.31
CA MET A 114 -5.87 14.79 -7.97
C MET A 114 -7.15 15.49 -8.42
N ASN A 115 -8.12 14.73 -8.91
CA ASN A 115 -9.39 15.34 -9.30
C ASN A 115 -10.11 15.92 -8.10
N THR A 116 -10.04 15.19 -6.99
CA THR A 116 -10.67 15.68 -5.77
C THR A 116 -9.93 16.92 -5.30
N LEU A 117 -8.60 16.90 -5.43
CA LEU A 117 -7.76 18.04 -5.06
C LEU A 117 -8.14 19.31 -5.83
N SER A 118 -8.26 19.21 -7.15
CA SER A 118 -8.67 20.37 -7.98
C SER A 118 -10.05 20.90 -7.62
N ASP A 119 -11.01 19.99 -7.40
CA ASP A 119 -12.33 20.39 -6.96
C ASP A 119 -12.19 21.25 -5.72
N HIS A 120 -11.44 20.77 -4.74
CA HIS A 120 -11.37 21.51 -3.48
C HIS A 120 -10.53 22.78 -3.60
N ALA A 121 -9.51 22.77 -4.46
CA ALA A 121 -8.71 23.99 -4.69
C ALA A 121 -9.54 25.09 -5.35
N ALA A 122 -10.50 24.68 -6.18
CA ALA A 122 -11.40 25.65 -6.84
C ALA A 122 -12.36 26.29 -5.85
N ALA A 123 -12.77 25.52 -4.84
CA ALA A 123 -13.81 25.96 -3.91
C ALA A 123 -13.30 26.66 -2.66
N ALA A 124 -12.14 26.24 -2.17
CA ALA A 124 -11.59 26.81 -0.93
C ALA A 124 -10.44 27.79 -1.21
N ASP A 125 -10.09 28.59 -0.21
CA ASP A 125 -8.98 29.53 -0.35
C ASP A 125 -7.63 28.83 -0.27
N PHE A 126 -7.52 27.81 0.58
CA PHE A 126 -6.26 27.05 0.71
C PHE A 126 -6.55 25.55 0.76
N VAL A 127 -5.70 24.74 0.13
CA VAL A 127 -5.76 23.29 0.29
C VAL A 127 -4.39 22.80 0.71
N PRO A 128 -4.17 22.71 2.03
CA PRO A 128 -2.86 22.25 2.50
C PRO A 128 -2.80 20.70 2.56
N LEU A 129 -1.64 20.16 2.23
CA LEU A 129 -1.35 18.73 2.25
C LEU A 129 -0.20 18.47 3.22
N ALA A 130 -0.43 17.62 4.22
CA ALA A 130 0.64 17.28 5.16
C ALA A 130 1.53 16.19 4.57
N SER A 131 2.20 16.52 3.47
CA SER A 131 2.85 15.52 2.61
C SER A 131 4.17 14.97 3.14
N ARG A 132 4.63 15.42 4.31
CA ARG A 132 5.91 14.95 4.87
C ARG A 132 6.04 13.43 4.94
N PHE A 133 4.92 12.76 5.14
CA PHE A 133 4.89 11.32 5.35
C PHE A 133 4.99 10.54 4.04
N LEU A 134 4.80 11.22 2.92
CA LEU A 134 4.87 10.56 1.63
C LEU A 134 6.29 10.11 1.35
N SER A 135 6.45 8.92 0.77
CA SER A 135 7.75 8.48 0.30
C SER A 135 8.26 9.45 -0.75
N GLU A 136 9.58 9.48 -0.96
CA GLU A 136 10.16 10.34 -1.98
C GLU A 136 9.62 10.02 -3.36
N ALA A 137 9.39 8.73 -3.61
CA ALA A 137 8.76 8.28 -4.85
C ALA A 137 7.40 8.96 -5.07
N ASN A 138 6.59 9.01 -4.02
CA ASN A 138 5.25 9.57 -4.12
C ASN A 138 5.27 11.11 -4.12
N LYS A 139 6.22 11.71 -3.41
CA LYS A 139 6.37 13.16 -3.44
C LYS A 139 6.63 13.62 -4.87
N THR A 140 7.51 12.89 -5.56
CA THR A 140 7.80 13.15 -6.97
C THR A 140 6.51 13.06 -7.81
N LEU A 141 5.76 11.98 -7.63
CA LEU A 141 4.44 11.85 -8.27
C LEU A 141 3.52 13.03 -7.95
N LEU A 142 3.42 13.43 -6.68
CA LEU A 142 2.51 14.49 -6.28
C LEU A 142 2.92 15.85 -6.86
N VAL A 143 4.19 16.21 -6.69
CA VAL A 143 4.70 17.47 -7.20
C VAL A 143 4.53 17.58 -8.72
N LYS A 144 4.82 16.50 -9.43
CA LYS A 144 4.64 16.51 -10.88
C LYS A 144 3.16 16.70 -11.26
N ALA A 145 2.28 15.99 -10.57
CA ALA A 145 0.84 16.09 -10.85
C ALA A 145 0.29 17.47 -10.54
N ILE A 146 0.73 18.03 -9.41
CA ILE A 146 0.35 19.41 -9.07
C ILE A 146 0.76 20.42 -10.14
N GLY A 147 1.93 20.23 -10.74
CA GLY A 147 2.44 21.14 -11.78
C GLY A 147 1.65 21.10 -13.08
N ASN A 148 0.75 20.14 -13.22
CA ASN A 148 -0.08 20.06 -14.41
C ASN A 148 -1.49 20.59 -14.19
N LEU A 149 -1.76 21.03 -12.97
CA LEU A 149 -3.01 21.71 -12.69
C LEU A 149 -2.88 23.14 -13.18
N PRO A 150 -4.00 23.80 -13.49
CA PRO A 150 -3.99 25.23 -13.79
C PRO A 150 -3.29 26.02 -12.68
N GLN A 151 -2.55 27.06 -13.06
CA GLN A 151 -1.76 27.83 -12.12
C GLN A 151 -2.58 28.45 -10.98
N LYS A 152 -3.81 28.84 -11.26
CA LYS A 152 -4.68 29.41 -10.22
C LYS A 152 -4.99 28.41 -9.11
N LEU A 153 -4.92 27.13 -9.42
CA LEU A 153 -5.15 26.09 -8.42
C LEU A 153 -3.87 25.78 -7.68
N GLN A 154 -2.74 25.80 -8.39
CA GLN A 154 -1.43 25.52 -7.79
C GLN A 154 -1.11 26.53 -6.69
N ALA A 155 -1.47 27.79 -6.91
CA ALA A 155 -1.21 28.83 -5.93
C ALA A 155 -1.97 28.58 -4.63
N LYS A 156 -3.04 27.78 -4.72
CA LYS A 156 -3.89 27.52 -3.57
C LYS A 156 -3.45 26.30 -2.75
N ILE A 157 -2.55 25.52 -3.32
CA ILE A 157 -2.15 24.26 -2.70
C ILE A 157 -0.90 24.47 -1.88
N ILE A 158 -0.93 24.05 -0.61
CA ILE A 158 0.21 24.28 0.29
C ILE A 158 0.78 22.93 0.73
N LEU A 159 2.07 22.74 0.50
CA LEU A 159 2.78 21.55 0.94
C LEU A 159 3.41 21.84 2.31
N ILE A 160 2.85 21.28 3.37
CA ILE A 160 3.39 21.51 4.72
C ILE A 160 4.75 20.81 4.87
N LYS A 161 5.82 21.60 4.89
CA LYS A 161 7.17 21.03 4.91
C LYS A 161 7.57 20.54 6.29
N ALA B 3 -12.13 18.27 1.56
CA ALA B 3 -11.23 17.28 2.15
C ALA B 3 -11.40 15.87 1.64
N GLY B 4 -12.53 15.56 1.00
CA GLY B 4 -12.67 14.28 0.33
C GLY B 4 -13.70 14.32 -0.79
N SER B 5 -14.19 13.16 -1.19
CA SER B 5 -15.28 13.09 -2.15
C SER B 5 -15.92 11.73 -2.22
N ILE B 6 -17.11 11.68 -2.81
CA ILE B 6 -17.65 10.43 -3.31
C ILE B 6 -17.47 10.45 -4.82
N VAL B 7 -16.64 9.56 -5.34
CA VAL B 7 -16.42 9.45 -6.78
C VAL B 7 -17.49 8.54 -7.38
N ILE B 8 -18.25 9.05 -8.35
CA ILE B 8 -19.34 8.27 -8.93
C ILE B 8 -18.79 7.53 -10.14
N SER B 9 -18.13 8.30 -11.01
CA SER B 9 -17.39 7.81 -12.16
C SER B 9 -16.20 8.74 -12.30
N LYS B 10 -15.30 8.46 -13.24
CA LYS B 10 -14.05 9.22 -13.28
C LYS B 10 -14.28 10.72 -13.35
N GLU B 11 -15.25 11.14 -14.14
CA GLU B 11 -15.49 12.57 -14.35
C GLU B 11 -16.55 13.15 -13.41
N VAL B 12 -17.25 12.29 -12.68
CA VAL B 12 -18.34 12.75 -11.83
C VAL B 12 -18.12 12.48 -10.34
N ARG B 13 -17.99 13.54 -9.56
CA ARG B 13 -17.65 13.39 -8.15
C ARG B 13 -18.55 14.27 -7.30
N VAL B 14 -18.70 13.92 -6.03
CA VAL B 14 -19.37 14.79 -5.07
C VAL B 14 -18.34 15.21 -4.05
N PRO B 15 -17.79 16.43 -4.19
CA PRO B 15 -16.78 16.88 -3.22
C PRO B 15 -17.42 17.04 -1.87
N VAL B 16 -16.72 16.64 -0.81
CA VAL B 16 -17.28 16.80 0.53
C VAL B 16 -16.20 17.26 1.49
N SER B 17 -16.62 17.82 2.61
CA SER B 17 -15.68 18.12 3.70
C SER B 17 -15.35 16.81 4.41
N THR B 18 -14.34 16.83 5.27
CA THR B 18 -14.03 15.63 6.04
C THR B 18 -15.23 15.22 6.89
N SER B 19 -15.90 16.19 7.52
CA SER B 19 -17.01 15.79 8.37
C SER B 19 -18.15 15.18 7.55
N GLN B 20 -18.47 15.80 6.41
CA GLN B 20 -19.45 15.20 5.49
C GLN B 20 -19.06 13.79 4.99
N PHE B 21 -17.78 13.61 4.65
CA PHE B 21 -17.29 12.32 4.18
C PHE B 21 -17.51 11.23 5.23
N ASP B 22 -17.07 11.48 6.46
CA ASP B 22 -17.22 10.52 7.54
C ASP B 22 -18.69 10.24 7.82
N TYR B 23 -19.50 11.29 7.87
CA TYR B 23 -20.94 11.15 8.07
C TYR B 23 -21.59 10.25 7.02
N LEU B 24 -21.23 10.46 5.76
CA LEU B 24 -21.86 9.72 4.68
C LEU B 24 -21.40 8.25 4.61
N VAL B 25 -20.08 8.02 4.65
CA VAL B 25 -19.58 6.65 4.52
C VAL B 25 -20.04 5.75 5.66
N SER B 26 -20.14 6.32 6.86
CA SER B 26 -20.61 5.56 8.00
C SER B 26 -22.07 5.16 7.84
N ARG B 27 -22.94 6.09 7.42
CA ARG B 27 -24.37 5.79 7.28
C ARG B 27 -24.64 4.84 6.13
N ILE B 28 -24.04 5.14 4.99
CA ILE B 28 -24.19 4.26 3.82
C ILE B 28 -23.65 2.87 4.15
N GLY B 29 -22.55 2.81 4.90
CA GLY B 29 -21.91 1.55 5.20
C GLY B 29 -22.73 0.59 6.05
N ASP B 30 -23.65 1.14 6.83
CA ASP B 30 -24.48 0.37 7.76
C ASP B 30 -25.68 -0.27 7.09
N GLN B 31 -25.94 0.14 5.85
CA GLN B 31 -27.21 -0.16 5.20
C GLN B 31 -27.14 -1.18 4.09
N PHE B 32 -25.97 -1.79 3.93
CA PHE B 32 -25.79 -2.81 2.93
C PHE B 32 -26.41 -4.13 3.39
N HIS B 33 -27.04 -4.85 2.46
CA HIS B 33 -27.53 -6.22 2.72
C HIS B 33 -26.34 -7.17 2.76
N SER B 34 -26.51 -8.31 3.42
CA SER B 34 -25.40 -9.26 3.57
C SER B 34 -24.87 -9.71 2.22
N SER B 35 -25.77 -9.97 1.28
CA SER B 35 -25.39 -10.47 -0.03
C SER B 35 -24.67 -9.42 -0.86
N ASP B 36 -24.84 -8.15 -0.49
CA ASP B 36 -24.25 -7.03 -1.24
C ASP B 36 -22.95 -6.50 -0.62
N MET B 37 -22.43 -7.19 0.39
CA MET B 37 -21.24 -6.70 1.10
C MET B 37 -20.03 -6.53 0.17
N TRP B 38 -19.94 -7.36 -0.85
CA TRP B 38 -18.85 -7.25 -1.83
C TRP B 38 -18.90 -5.92 -2.58
N ILE B 39 -20.11 -5.36 -2.73
CA ILE B 39 -20.24 -4.06 -3.40
C ILE B 39 -19.63 -2.99 -2.52
N LYS B 40 -19.92 -3.06 -1.23
CA LYS B 40 -19.36 -2.10 -0.29
C LYS B 40 -17.84 -2.18 -0.32
N ASP B 41 -17.30 -3.40 -0.33
CA ASP B 41 -15.86 -3.59 -0.28
C ASP B 41 -15.17 -2.99 -1.50
N GLU B 42 -15.74 -3.22 -2.66
CA GLU B 42 -15.25 -2.64 -3.90
C GLU B 42 -15.29 -1.09 -3.84
N VAL B 43 -16.39 -0.54 -3.38
CA VAL B 43 -16.57 0.91 -3.38
C VAL B 43 -15.71 1.59 -2.34
N TYR B 44 -15.55 0.95 -1.20
CA TYR B 44 -14.82 1.55 -0.08
C TYR B 44 -13.30 1.33 -0.16
N LEU B 45 -12.86 0.54 -1.14
CA LEU B 45 -11.44 0.23 -1.32
C LEU B 45 -10.42 1.40 -1.22
N PRO B 46 -10.68 2.54 -1.89
CA PRO B 46 -9.68 3.61 -1.78
C PRO B 46 -9.46 4.07 -0.34
N MET B 47 -10.49 4.02 0.49
CA MET B 47 -10.40 4.40 1.90
C MET B 47 -9.82 3.24 2.73
N GLU B 48 -10.43 2.07 2.61
CA GLU B 48 -10.06 0.93 3.45
C GLU B 48 -8.70 0.31 3.06
N GLU B 49 -8.49 0.10 1.76
CA GLU B 49 -7.16 -0.34 1.29
C GLU B 49 -6.15 0.79 1.20
N GLY B 50 -6.59 1.95 0.70
CA GLY B 50 -5.64 2.99 0.32
C GLY B 50 -5.51 4.19 1.23
N GLY B 51 -6.31 4.29 2.29
CA GLY B 51 -6.19 5.38 3.26
C GLY B 51 -6.69 6.73 2.75
N MET B 52 -7.36 6.72 1.60
CA MET B 52 -7.85 7.93 0.96
C MET B 52 -9.14 8.38 1.60
N SER B 53 -9.42 9.67 1.47
CA SER B 53 -10.68 10.21 1.93
C SER B 53 -11.67 10.23 0.77
N PHE B 54 -11.69 9.18 -0.02
CA PHE B 54 -12.78 9.01 -0.96
C PHE B 54 -13.19 7.56 -1.11
N ILE B 55 -14.42 7.33 -1.56
CA ILE B 55 -14.84 6.02 -2.00
C ILE B 55 -15.24 6.18 -3.46
N SER B 56 -15.40 5.09 -4.17
CA SER B 56 -15.64 5.18 -5.60
C SER B 56 -16.52 4.08 -6.18
N THR B 57 -17.54 4.48 -6.93
CA THR B 57 -18.41 3.52 -7.61
C THR B 57 -18.05 3.39 -9.09
N GLU B 58 -16.88 3.86 -9.46
CA GLU B 58 -16.50 3.91 -10.88
C GLU B 58 -16.37 2.53 -11.54
N SER B 59 -16.11 1.49 -10.75
CA SER B 59 -15.88 0.16 -11.33
C SER B 59 -17.13 -0.72 -11.38
N LEU B 60 -18.23 -0.27 -10.76
CA LEU B 60 -19.46 -1.08 -10.69
C LEU B 60 -20.18 -1.12 -12.03
N ASN B 61 -20.84 -2.24 -12.31
CA ASN B 61 -21.71 -2.32 -13.49
C ASN B 61 -23.07 -1.70 -13.15
N SER B 62 -23.99 -1.69 -14.10
CA SER B 62 -25.30 -1.09 -13.86
C SER B 62 -26.03 -1.67 -12.65
N SER B 63 -25.98 -2.99 -12.50
CA SER B 63 -26.60 -3.66 -11.37
C SER B 63 -25.97 -3.27 -10.05
N GLY B 64 -24.65 -3.30 -9.97
CA GLY B 64 -23.97 -2.92 -8.73
C GLY B 64 -24.30 -1.49 -8.32
N LEU B 65 -24.28 -0.58 -9.29
CA LEU B 65 -24.55 0.82 -9.01
C LEU B 65 -26.01 1.03 -8.62
N SER B 66 -26.91 0.32 -9.28
CA SER B 66 -28.33 0.39 -8.91
C SER B 66 -28.48 0.01 -7.44
N ILE B 67 -27.86 -1.10 -7.05
CA ILE B 67 -27.84 -1.49 -5.65
C ILE B 67 -27.23 -0.43 -4.72
N PHE B 68 -26.11 0.15 -5.13
CA PHE B 68 -25.47 1.18 -4.31
C PHE B 68 -26.42 2.35 -4.10
N LEU B 69 -27.12 2.77 -5.15
CA LEU B 69 -28.05 3.88 -5.02
C LEU B 69 -29.20 3.50 -4.07
N ALA B 70 -29.71 2.28 -4.20
CA ALA B 70 -30.77 1.83 -3.29
C ALA B 70 -30.26 1.85 -1.86
N THR B 71 -29.01 1.46 -1.67
CA THR B 71 -28.39 1.44 -0.35
C THR B 71 -28.23 2.87 0.21
N VAL B 72 -27.73 3.79 -0.62
CA VAL B 72 -27.70 5.21 -0.27
C VAL B 72 -29.06 5.78 0.16
N MET B 73 -30.11 5.50 -0.59
CA MET B 73 -31.44 6.00 -0.21
C MET B 73 -31.92 5.39 1.11
N ARG B 74 -31.55 4.14 1.39
CA ARG B 74 -31.91 3.56 2.68
C ARG B 74 -31.21 4.29 3.81
N ALA B 75 -29.94 4.60 3.61
CA ALA B 75 -29.16 5.33 4.61
C ALA B 75 -29.73 6.71 4.84
N ARG B 76 -30.20 7.32 3.77
CA ARG B 76 -30.75 8.67 3.83
C ARG B 76 -32.03 8.65 4.65
N ALA B 77 -32.85 7.62 4.43
CA ALA B 77 -34.09 7.46 5.17
C ALA B 77 -33.78 7.27 6.64
N ALA B 78 -32.89 6.33 6.93
CA ALA B 78 -32.51 6.01 8.30
C ALA B 78 -31.92 7.21 9.04
N SER B 79 -31.46 8.22 8.29
CA SER B 79 -30.87 9.42 8.89
C SER B 79 -31.87 10.54 9.13
N GLN B 80 -33.03 10.51 8.46
CA GLN B 80 -34.03 11.57 8.58
C GLN B 80 -34.44 11.78 10.02
N ALA B 81 -34.48 10.69 10.78
CA ALA B 81 -34.83 10.73 12.19
C ALA B 81 -33.90 11.67 12.97
N GLU B 82 -32.61 11.62 12.62
CA GLU B 82 -31.57 12.32 13.37
C GLU B 82 -31.69 13.84 13.36
N GLU B 83 -31.31 14.45 14.47
CA GLU B 83 -31.41 15.90 14.64
C GLU B 83 -30.52 16.65 13.66
N SER B 84 -29.40 16.02 13.29
CA SER B 84 -28.44 16.67 12.40
C SER B 84 -28.95 16.73 10.96
N PHE B 85 -29.98 15.95 10.64
CA PHE B 85 -30.34 15.75 9.24
C PHE B 85 -30.42 16.98 8.33
N PRO B 86 -31.04 18.09 8.79
CA PRO B 86 -31.10 19.23 7.86
C PRO B 86 -29.73 19.80 7.45
N LEU B 87 -28.72 19.66 8.31
CA LEU B 87 -27.39 20.17 8.00
C LEU B 87 -26.69 19.35 6.91
N TYR B 88 -27.22 18.15 6.65
CA TYR B 88 -26.64 17.22 5.69
C TYR B 88 -27.54 16.93 4.49
N GLU B 89 -28.76 17.46 4.52
CA GLU B 89 -29.74 17.12 3.49
C GLU B 89 -29.28 17.49 2.08
N ASN B 90 -28.65 18.64 1.93
CA ASN B 90 -28.21 19.09 0.63
C ASN B 90 -27.20 18.13 -0.01
N VAL B 91 -26.34 17.55 0.81
CA VAL B 91 -25.32 16.66 0.30
C VAL B 91 -25.88 15.24 0.00
N TRP B 92 -26.84 14.76 0.79
CA TRP B 92 -27.58 13.55 0.44
C TRP B 92 -28.21 13.74 -0.94
N ASN B 93 -28.83 14.90 -1.13
CA ASN B 93 -29.53 15.21 -2.37
C ASN B 93 -28.56 15.28 -3.56
N GLN B 94 -27.41 15.90 -3.35
CA GLN B 94 -26.35 15.95 -4.37
C GLN B 94 -25.92 14.53 -4.76
N LEU B 95 -25.73 13.68 -3.76
CA LEU B 95 -25.24 12.32 -4.00
C LEU B 95 -26.27 11.47 -4.74
N VAL B 96 -27.52 11.51 -4.28
CA VAL B 96 -28.57 10.76 -4.94
C VAL B 96 -28.75 11.25 -6.38
N GLU B 97 -28.71 12.57 -6.57
CA GLU B 97 -28.90 13.12 -7.91
C GLU B 97 -27.81 12.66 -8.89
N LYS B 98 -26.55 12.76 -8.49
CA LYS B 98 -25.45 12.36 -9.38
C LYS B 98 -25.44 10.87 -9.68
N LEU B 99 -25.85 10.07 -8.72
CA LEU B 99 -26.03 8.63 -8.94
C LEU B 99 -27.16 8.36 -9.95
N ARG B 100 -28.29 9.04 -9.77
CA ARG B 100 -29.40 8.92 -10.71
C ARG B 100 -29.00 9.29 -12.13
N GLN B 101 -28.17 10.33 -12.26
CA GLN B 101 -27.77 10.85 -13.56
C GLN B 101 -26.66 10.02 -14.24
N ASP B 102 -26.20 8.98 -13.57
CA ASP B 102 -25.07 8.22 -14.08
C ASP B 102 -25.50 7.46 -15.33
N ALA B 103 -24.64 7.51 -16.35
CA ALA B 103 -24.90 6.92 -17.66
C ALA B 103 -25.23 5.43 -17.59
N ARG B 104 -24.68 4.72 -16.62
CA ARG B 104 -24.98 3.29 -16.45
C ARG B 104 -26.44 3.05 -16.05
N LEU B 105 -27.07 4.04 -15.43
CA LEU B 105 -28.47 3.90 -15.02
C LEU B 105 -29.42 4.41 -16.09
N GLY B 106 -28.87 4.85 -17.22
CA GLY B 106 -29.65 5.13 -18.40
C GLY B 106 -29.75 3.85 -19.22
N ARG C 46 18.33 -20.52 9.06
CA ARG C 46 18.59 -21.90 9.45
C ARG C 46 17.47 -22.56 10.27
N PRO C 47 17.25 -22.13 11.54
CA PRO C 47 16.33 -22.94 12.35
C PRO C 47 14.89 -22.99 11.87
N GLY C 48 14.35 -21.87 11.36
CA GLY C 48 13.00 -21.85 10.84
C GLY C 48 12.85 -22.79 9.66
N GLU C 49 13.70 -22.61 8.66
CA GLU C 49 13.66 -23.44 7.45
C GLU C 49 14.03 -24.90 7.72
N ALA C 50 15.07 -25.12 8.52
CA ALA C 50 15.45 -26.48 8.90
C ALA C 50 14.29 -27.19 9.59
N GLY C 51 13.59 -26.45 10.44
CA GLY C 51 12.44 -26.98 11.16
C GLY C 51 11.25 -27.22 10.26
N ALA C 52 11.03 -26.34 9.30
CA ALA C 52 9.94 -26.55 8.35
C ALA C 52 10.28 -27.71 7.42
N ALA C 53 11.56 -27.85 7.08
CA ALA C 53 12.00 -28.92 6.20
C ALA C 53 11.81 -30.28 6.86
N ALA C 54 12.17 -30.37 8.14
CA ALA C 54 11.98 -31.60 8.91
C ALA C 54 10.50 -31.99 8.94
N GLU C 55 9.65 -30.99 9.12
CA GLU C 55 8.21 -31.19 9.16
C GLU C 55 7.69 -31.69 7.80
N LEU C 56 8.19 -31.08 6.73
CA LEU C 56 7.75 -31.43 5.37
C LEU C 56 8.23 -32.82 4.93
N GLU C 57 9.40 -33.23 5.43
CA GLU C 57 9.93 -34.55 5.09
C GLU C 57 8.97 -35.65 5.49
N ASN C 58 8.39 -35.49 6.67
CA ASN C 58 7.44 -36.44 7.22
C ASN C 58 6.10 -36.40 6.50
N TYR C 59 5.72 -35.23 6.01
CA TYR C 59 4.42 -35.03 5.41
C TYR C 59 4.40 -35.46 3.94
N LEU C 60 5.50 -35.22 3.24
CA LEU C 60 5.54 -35.51 1.81
C LEU C 60 6.42 -36.70 1.48
N GLY C 61 6.90 -37.37 2.53
CA GLY C 61 7.72 -38.55 2.36
C GLY C 61 9.09 -38.19 1.83
N GLY C 62 10.09 -39.02 2.10
CA GLY C 62 11.41 -38.82 1.54
C GLY C 62 12.26 -37.72 2.15
N THR C 63 13.53 -37.72 1.75
CA THR C 63 14.52 -36.79 2.28
C THR C 63 14.54 -35.46 1.50
N LEU C 64 14.62 -34.36 2.24
CA LEU C 64 14.79 -33.03 1.67
C LEU C 64 16.19 -32.54 1.96
N GLN C 65 16.94 -32.18 0.93
CA GLN C 65 18.23 -31.54 1.15
C GLN C 65 18.19 -30.10 0.65
N ARG C 66 19.08 -29.27 1.21
CA ARG C 66 19.25 -27.90 0.75
C ARG C 66 19.70 -27.97 -0.70
N ALA C 67 19.16 -27.09 -1.53
CA ALA C 67 19.49 -27.07 -2.95
C ALA C 67 20.94 -26.64 -3.09
N PRO C 68 21.59 -26.98 -4.22
CA PRO C 68 22.98 -26.51 -4.36
C PRO C 68 23.05 -24.99 -4.42
N GLN C 69 24.17 -24.40 -4.00
CA GLN C 69 24.31 -22.95 -4.10
C GLN C 69 24.31 -22.62 -5.59
N GLY C 70 23.68 -21.52 -5.98
CA GLY C 70 23.53 -21.26 -7.40
C GLY C 70 22.15 -21.66 -7.91
N SER C 71 21.44 -22.45 -7.11
CA SER C 71 20.07 -22.82 -7.44
C SER C 71 19.09 -21.71 -7.03
N SER C 72 17.99 -21.60 -7.76
CA SER C 72 16.99 -20.57 -7.46
C SER C 72 15.91 -21.12 -6.52
N VAL C 73 16.04 -22.39 -6.13
CA VAL C 73 15.13 -22.94 -5.12
C VAL C 73 15.85 -23.18 -3.79
N ASP C 74 15.09 -23.37 -2.72
CA ASP C 74 15.67 -23.59 -1.40
C ASP C 74 16.07 -25.05 -1.18
N PHE C 75 15.08 -25.92 -1.28
CA PHE C 75 15.30 -27.36 -1.07
C PHE C 75 14.79 -28.19 -2.23
N VAL C 76 15.34 -29.41 -2.35
CA VAL C 76 14.87 -30.36 -3.33
C VAL C 76 14.75 -31.74 -2.68
N PHE C 77 13.67 -32.47 -2.97
CA PHE C 77 13.54 -33.83 -2.45
C PHE C 77 14.57 -34.74 -3.13
N SER C 78 15.19 -35.62 -2.36
CA SER C 78 16.17 -36.55 -2.93
C SER C 78 15.74 -38.01 -2.82
N SER C 79 14.50 -38.25 -2.39
CA SER C 79 13.97 -39.61 -2.25
C SER C 79 12.47 -39.58 -2.05
N GLY C 80 11.81 -40.72 -2.23
CA GLY C 80 10.37 -40.79 -1.98
C GLY C 80 9.55 -40.43 -3.20
N PRO C 81 8.23 -40.38 -3.04
CA PRO C 81 7.26 -40.15 -4.12
C PRO C 81 7.44 -38.77 -4.74
N ASN C 82 8.01 -37.84 -3.98
CA ASN C 82 8.22 -36.48 -4.49
C ASN C 82 9.66 -36.21 -4.88
N ASN C 83 10.42 -37.28 -5.11
CA ASN C 83 11.82 -37.17 -5.51
C ASN C 83 12.02 -36.19 -6.67
N GLY C 84 13.01 -35.30 -6.53
CA GLY C 84 13.33 -34.36 -7.56
C GLY C 84 12.48 -33.10 -7.55
N LYS C 85 11.42 -33.07 -6.74
CA LYS C 85 10.58 -31.87 -6.67
C LYS C 85 11.23 -30.83 -5.79
N THR C 86 11.00 -29.56 -6.12
CA THR C 86 11.66 -28.44 -5.48
C THR C 86 10.76 -27.75 -4.46
N VAL C 87 11.35 -27.20 -3.40
CA VAL C 87 10.59 -26.55 -2.34
C VAL C 87 11.12 -25.12 -2.07
N ASP C 88 10.24 -24.13 -2.07
CA ASP C 88 10.59 -22.75 -1.68
C ASP C 88 9.87 -22.38 -0.39
N PHE C 89 10.61 -22.12 0.69
CA PHE C 89 9.97 -21.75 1.98
C PHE C 89 9.73 -20.25 2.18
N MET C 90 8.59 -19.90 2.79
CA MET C 90 8.38 -18.54 3.31
C MET C 90 7.75 -18.58 4.71
N LEU C 91 7.84 -17.48 5.45
CA LEU C 91 7.38 -17.41 6.86
C LEU C 91 7.89 -18.55 7.72
N THR C 92 9.20 -18.69 7.81
CA THR C 92 9.81 -19.61 8.75
C THR C 92 10.74 -18.81 9.64
N PRO C 93 10.16 -18.03 10.57
CA PRO C 93 10.98 -17.16 11.42
C PRO C 93 11.90 -17.96 12.31
N ASP C 94 13.15 -17.49 12.43
CA ASP C 94 14.18 -18.22 13.14
C ASP C 94 14.02 -18.06 14.65
N THR C 95 13.48 -16.91 15.04
CA THR C 95 13.38 -16.52 16.44
C THR C 95 11.99 -16.00 16.76
N VAL C 96 11.63 -16.01 18.04
CA VAL C 96 10.37 -15.46 18.49
C VAL C 96 10.33 -13.94 18.23
N ALA C 97 11.49 -13.31 18.30
CA ALA C 97 11.61 -11.88 17.99
C ALA C 97 11.19 -11.61 16.54
N GLN C 98 11.73 -12.41 15.61
CA GLN C 98 11.35 -12.27 14.20
C GLN C 98 9.86 -12.53 13.97
N ALA C 99 9.30 -13.50 14.68
CA ALA C 99 7.90 -13.85 14.48
C ALA C 99 7.03 -12.67 14.95
N ALA C 100 7.48 -12.03 16.01
CA ALA C 100 6.82 -10.81 16.50
C ALA C 100 6.78 -9.74 15.41
N LYS C 101 7.94 -9.45 14.83
CA LYS C 101 8.04 -8.43 13.78
C LYS C 101 7.09 -8.75 12.62
N ILE C 102 7.10 -9.99 12.16
CA ILE C 102 6.25 -10.39 11.05
C ILE C 102 4.79 -10.11 11.35
N ASN C 103 4.35 -10.48 12.55
CA ASN C 103 2.97 -10.24 12.98
C ASN C 103 2.63 -8.76 13.05
N GLN C 104 3.51 -7.97 13.67
CA GLN C 104 3.24 -6.55 13.86
C GLN C 104 2.98 -5.80 12.55
N PHE C 105 3.72 -6.16 11.50
CA PHE C 105 3.67 -5.38 10.26
C PHE C 105 3.16 -6.15 9.05
N PHE C 106 2.44 -7.23 9.32
CA PHE C 106 1.99 -8.15 8.28
C PHE C 106 1.08 -7.48 7.26
N ASP C 107 0.17 -6.63 7.74
CA ASP C 107 -0.76 -5.96 6.85
C ASP C 107 0.03 -5.11 5.84
N LYS C 108 0.99 -4.35 6.35
CA LYS C 108 1.78 -3.44 5.53
C LYS C 108 2.54 -4.17 4.43
N ASN C 109 3.11 -5.31 4.78
CA ASN C 109 4.00 -6.04 3.88
C ASN C 109 3.28 -7.08 3.04
N LEU C 110 1.97 -7.19 3.23
CA LEU C 110 1.18 -8.25 2.63
C LEU C 110 1.29 -8.32 1.10
N ASN C 111 1.22 -7.18 0.41
CA ASN C 111 1.24 -7.20 -1.06
C ASN C 111 2.55 -7.67 -1.66
N ASN C 112 3.66 -7.23 -1.08
CA ASN C 112 4.96 -7.66 -1.58
C ASN C 112 5.22 -9.12 -1.24
N PHE C 113 4.76 -9.51 -0.06
CA PHE C 113 4.85 -10.90 0.35
C PHE C 113 4.13 -11.79 -0.65
N MET C 114 2.88 -11.45 -0.95
CA MET C 114 2.06 -12.28 -1.82
C MET C 114 2.60 -12.36 -3.25
N ASN C 115 3.12 -11.23 -3.74
CA ASN C 115 3.72 -11.19 -5.07
C ASN C 115 4.98 -12.03 -5.13
N THR C 116 5.74 -11.98 -4.05
CA THR C 116 6.93 -12.82 -3.92
C THR C 116 6.56 -14.29 -3.79
N LEU C 117 5.51 -14.57 -3.01
CA LEU C 117 4.95 -15.91 -2.86
C LEU C 117 4.53 -16.44 -4.23
N SER C 118 3.85 -15.59 -5.00
CA SER C 118 3.41 -15.93 -6.34
C SER C 118 4.56 -16.32 -7.29
N ASP C 119 5.54 -15.42 -7.45
CA ASP C 119 6.70 -15.75 -8.28
C ASP C 119 7.25 -17.13 -7.96
N HIS C 120 7.37 -17.43 -6.67
CA HIS C 120 7.98 -18.69 -6.26
C HIS C 120 7.04 -19.89 -6.49
N ALA C 121 5.74 -19.69 -6.29
CA ALA C 121 4.78 -20.75 -6.59
C ALA C 121 4.81 -21.13 -8.07
N ALA C 122 5.07 -20.14 -8.92
CA ALA C 122 5.22 -20.38 -10.35
C ALA C 122 6.51 -21.14 -10.70
N ALA C 123 7.54 -21.00 -9.87
CA ALA C 123 8.83 -21.64 -10.15
C ALA C 123 9.06 -22.99 -9.47
N ALA C 124 8.45 -23.22 -8.32
CA ALA C 124 8.74 -24.42 -7.55
C ALA C 124 7.52 -25.31 -7.42
N ASP C 125 7.74 -26.56 -6.99
CA ASP C 125 6.66 -27.52 -6.87
C ASP C 125 5.85 -27.30 -5.60
N PHE C 126 6.54 -26.94 -4.52
CA PHE C 126 5.86 -26.67 -3.26
C PHE C 126 6.34 -25.35 -2.66
N VAL C 127 5.41 -24.58 -2.09
CA VAL C 127 5.75 -23.43 -1.26
C VAL C 127 5.10 -23.52 0.10
N PRO C 128 5.81 -24.10 1.08
CA PRO C 128 5.24 -24.24 2.42
C PRO C 128 5.50 -23.02 3.29
N LEU C 129 4.53 -22.69 4.12
CA LEU C 129 4.63 -21.56 5.03
C LEU C 129 4.46 -22.09 6.46
N ALA C 130 5.35 -21.69 7.35
CA ALA C 130 5.30 -22.17 8.74
C ALA C 130 4.57 -21.19 9.63
N SER C 131 3.30 -20.98 9.32
CA SER C 131 2.54 -19.88 9.88
C SER C 131 1.81 -20.19 11.19
N ARG C 132 2.36 -21.10 11.99
CA ARG C 132 1.84 -21.38 13.33
C ARG C 132 1.75 -20.09 14.12
N PHE C 133 2.85 -19.33 14.08
CA PHE C 133 3.04 -18.12 14.86
C PHE C 133 2.08 -16.97 14.53
N LEU C 134 1.38 -17.05 13.41
CA LEU C 134 0.51 -15.94 12.99
C LEU C 134 -0.68 -15.75 13.93
N SER C 135 -1.12 -14.51 14.09
CA SER C 135 -2.32 -14.22 14.86
C SER C 135 -3.52 -14.47 13.97
N GLU C 136 -4.71 -14.55 14.57
CA GLU C 136 -5.92 -14.88 13.83
C GLU C 136 -6.29 -13.80 12.85
N ALA C 137 -6.01 -12.54 13.19
CA ALA C 137 -6.17 -11.46 12.25
C ALA C 137 -5.28 -11.75 11.04
N ASN C 138 -4.01 -12.04 11.30
CA ASN C 138 -3.06 -12.26 10.22
C ASN C 138 -3.25 -13.54 9.41
N LYS C 139 -3.63 -14.62 10.08
CA LYS C 139 -3.97 -15.85 9.38
C LYS C 139 -5.09 -15.57 8.40
N THR C 140 -6.08 -14.82 8.86
CA THR C 140 -7.22 -14.48 8.03
C THR C 140 -6.80 -13.70 6.79
N LEU C 141 -6.06 -12.61 7.00
CA LEU C 141 -5.44 -11.87 5.90
C LEU C 141 -4.72 -12.81 4.93
N LEU C 142 -3.88 -13.69 5.48
CA LEU C 142 -3.20 -14.70 4.65
C LEU C 142 -4.16 -15.53 3.79
N VAL C 143 -5.15 -16.16 4.42
CA VAL C 143 -6.11 -16.97 3.69
C VAL C 143 -6.86 -16.16 2.64
N LYS C 144 -7.29 -14.96 3.05
CA LYS C 144 -7.95 -14.04 2.14
C LYS C 144 -7.05 -13.76 0.93
N ALA C 145 -5.83 -13.30 1.20
CA ALA C 145 -4.86 -13.01 0.13
C ALA C 145 -4.56 -14.22 -0.74
N ILE C 146 -4.35 -15.39 -0.13
CA ILE C 146 -4.08 -16.61 -0.89
C ILE C 146 -5.22 -16.91 -1.88
N GLY C 147 -6.45 -16.62 -1.47
CA GLY C 147 -7.62 -16.87 -2.31
C GLY C 147 -7.56 -16.13 -3.64
N ASN C 148 -7.06 -14.90 -3.60
CA ASN C 148 -6.96 -14.06 -4.80
C ASN C 148 -5.87 -14.50 -5.77
N LEU C 149 -5.05 -15.45 -5.34
CA LEU C 149 -4.06 -16.07 -6.22
C LEU C 149 -4.76 -17.02 -7.19
N PRO C 150 -4.21 -17.18 -8.39
CA PRO C 150 -4.73 -18.15 -9.36
C PRO C 150 -4.79 -19.55 -8.75
N GLN C 151 -5.61 -20.44 -9.30
CA GLN C 151 -5.79 -21.77 -8.71
C GLN C 151 -4.52 -22.62 -8.75
N LYS C 152 -3.82 -22.62 -9.90
CA LYS C 152 -2.65 -23.48 -10.07
C LYS C 152 -1.47 -23.09 -9.18
N LEU C 153 -1.51 -21.88 -8.62
CA LEU C 153 -0.48 -21.43 -7.68
C LEU C 153 -0.93 -21.66 -6.23
N GLN C 154 -2.24 -21.54 -5.98
CA GLN C 154 -2.82 -21.88 -4.67
C GLN C 154 -2.48 -23.32 -4.29
N ALA C 155 -2.49 -24.20 -5.28
CA ALA C 155 -2.27 -25.61 -5.05
C ALA C 155 -0.86 -25.92 -4.59
N LYS C 156 0.07 -24.98 -4.85
CA LYS C 156 1.48 -25.16 -4.50
C LYS C 156 1.71 -24.95 -3.02
N ILE C 157 0.80 -24.21 -2.39
CA ILE C 157 0.99 -23.73 -1.04
C ILE C 157 0.71 -24.82 0.00
N ILE C 158 1.56 -24.89 1.02
CA ILE C 158 1.29 -25.76 2.16
C ILE C 158 1.36 -24.96 3.44
N LEU C 159 0.30 -25.04 4.23
CA LEU C 159 0.28 -24.43 5.54
C LEU C 159 0.72 -25.48 6.55
N ILE C 160 1.95 -25.36 7.03
CA ILE C 160 2.49 -26.28 8.02
C ILE C 160 1.86 -25.96 9.39
N LYS C 161 1.32 -26.95 10.07
CA LYS C 161 0.74 -26.69 11.40
C LYS C 161 1.56 -27.29 12.54
N ALA D 3 12.11 -18.21 -1.80
CA ALA D 3 12.12 -17.86 -0.37
C ALA D 3 12.18 -16.38 -0.08
N GLY D 4 12.66 -15.57 -1.02
CA GLY D 4 12.61 -14.12 -0.85
C GLY D 4 12.61 -13.37 -2.16
N SER D 5 12.82 -12.05 -2.10
CA SER D 5 12.88 -11.26 -3.33
C SER D 5 13.56 -9.92 -3.07
N ILE D 6 14.06 -9.32 -4.15
CA ILE D 6 14.43 -7.91 -4.13
C ILE D 6 13.34 -7.20 -4.92
N VAL D 7 12.49 -6.47 -4.21
CA VAL D 7 11.43 -5.69 -4.87
C VAL D 7 11.99 -4.40 -5.42
N ILE D 8 11.87 -4.19 -6.72
CA ILE D 8 12.34 -2.98 -7.36
C ILE D 8 11.26 -1.91 -7.39
N SER D 9 10.12 -2.29 -7.96
CA SER D 9 8.90 -1.48 -7.93
C SER D 9 7.77 -2.46 -7.67
N LYS D 10 6.53 -1.99 -7.63
CA LYS D 10 5.42 -2.87 -7.28
C LYS D 10 5.28 -4.08 -8.22
N GLU D 11 5.58 -3.90 -9.51
CA GLU D 11 5.41 -4.97 -10.48
C GLU D 11 6.71 -5.59 -10.95
N VAL D 12 7.85 -5.15 -10.39
CA VAL D 12 9.14 -5.72 -10.77
C VAL D 12 9.91 -6.21 -9.56
N ARG D 13 10.27 -7.50 -9.56
CA ARG D 13 10.97 -8.10 -8.44
C ARG D 13 12.06 -9.04 -8.95
N VAL D 14 13.08 -9.27 -8.13
CA VAL D 14 13.99 -10.36 -8.42
C VAL D 14 13.75 -11.45 -7.39
N PRO D 15 13.03 -12.51 -7.78
CA PRO D 15 12.82 -13.66 -6.89
C PRO D 15 14.16 -14.26 -6.59
N VAL D 16 14.42 -14.59 -5.32
CA VAL D 16 15.67 -15.24 -4.96
C VAL D 16 15.43 -16.36 -3.95
N SER D 17 16.36 -17.30 -3.86
CA SER D 17 16.31 -18.29 -2.78
C SER D 17 16.74 -17.60 -1.49
N THR D 18 16.50 -18.26 -0.35
CA THR D 18 16.97 -17.74 0.94
C THR D 18 18.48 -17.50 0.95
N SER D 19 19.24 -18.46 0.43
CA SER D 19 20.69 -18.32 0.40
C SER D 19 21.12 -17.11 -0.43
N GLN D 20 20.49 -16.91 -1.59
CA GLN D 20 20.77 -15.75 -2.44
C GLN D 20 20.39 -14.41 -1.80
N PHE D 21 19.23 -14.38 -1.14
CA PHE D 21 18.76 -13.20 -0.44
C PHE D 21 19.75 -12.77 0.62
N ASP D 22 20.11 -13.70 1.49
CA ASP D 22 21.06 -13.41 2.57
C ASP D 22 22.38 -12.90 2.01
N TYR D 23 22.86 -13.55 0.96
CA TYR D 23 24.09 -13.14 0.32
C TYR D 23 23.98 -11.71 -0.24
N LEU D 24 22.89 -11.44 -0.96
CA LEU D 24 22.73 -10.13 -1.61
C LEU D 24 22.63 -9.02 -0.57
N VAL D 25 21.69 -9.19 0.36
CA VAL D 25 21.45 -8.24 1.44
C VAL D 25 22.74 -7.89 2.20
N SER D 26 23.60 -8.89 2.42
CA SER D 26 24.87 -8.68 3.08
C SER D 26 25.88 -7.86 2.27
N ARG D 27 26.15 -8.30 1.04
CA ARG D 27 27.13 -7.62 0.20
C ARG D 27 26.69 -6.19 -0.16
N ILE D 28 25.42 -6.04 -0.51
CA ILE D 28 24.91 -4.73 -0.86
C ILE D 28 25.00 -3.86 0.37
N GLY D 29 24.61 -4.43 1.51
CA GLY D 29 24.56 -3.70 2.77
C GLY D 29 25.92 -3.18 3.22
N ASP D 30 27.00 -3.82 2.80
CA ASP D 30 28.34 -3.42 3.23
C ASP D 30 28.92 -2.32 2.36
N GLN D 31 28.27 -2.05 1.23
CA GLN D 31 28.81 -1.10 0.27
C GLN D 31 28.16 0.27 0.35
N PHE D 32 27.26 0.46 1.31
CA PHE D 32 26.62 1.76 1.49
C PHE D 32 27.61 2.78 2.05
N HIS D 33 27.60 3.97 1.46
CA HIS D 33 28.34 5.09 2.04
C HIS D 33 27.56 5.58 3.26
N SER D 34 28.28 6.04 4.29
CA SER D 34 27.67 6.45 5.56
C SER D 34 26.58 7.51 5.36
N SER D 35 26.75 8.30 4.32
CA SER D 35 25.82 9.38 3.98
C SER D 35 24.59 8.86 3.23
N ASP D 36 24.54 7.54 2.98
CA ASP D 36 23.45 6.94 2.22
C ASP D 36 22.72 5.93 3.07
N MET D 37 23.00 5.95 4.37
CA MET D 37 22.44 4.97 5.26
C MET D 37 20.93 5.11 5.41
N TRP D 38 20.44 6.34 5.25
CA TRP D 38 18.99 6.57 5.28
C TRP D 38 18.29 5.73 4.19
N ILE D 39 18.96 5.56 3.04
CA ILE D 39 18.41 4.78 1.93
C ILE D 39 18.42 3.29 2.27
N LYS D 40 19.51 2.82 2.86
CA LYS D 40 19.60 1.43 3.30
C LYS D 40 18.51 1.12 4.29
N ASP D 41 18.25 2.05 5.21
CA ASP D 41 17.22 1.84 6.23
C ASP D 41 15.84 1.73 5.60
N GLU D 42 15.59 2.59 4.63
CA GLU D 42 14.32 2.58 3.90
C GLU D 42 14.14 1.28 3.12
N VAL D 43 15.14 0.96 2.30
CA VAL D 43 15.13 -0.24 1.49
C VAL D 43 15.03 -1.52 2.32
N TYR D 44 15.81 -1.60 3.40
CA TYR D 44 15.88 -2.81 4.23
C TYR D 44 14.72 -2.93 5.23
N LEU D 45 13.86 -1.92 5.26
CA LEU D 45 12.75 -1.89 6.22
C LEU D 45 11.87 -3.16 6.33
N PRO D 46 11.43 -3.73 5.20
CA PRO D 46 10.50 -4.86 5.37
C PRO D 46 11.17 -6.05 6.05
N MET D 47 12.47 -6.18 5.84
CA MET D 47 13.29 -7.16 6.54
C MET D 47 13.52 -6.77 7.99
N GLU D 48 14.11 -5.60 8.20
CA GLU D 48 14.61 -5.20 9.51
C GLU D 48 13.50 -4.88 10.50
N GLU D 49 12.39 -4.35 10.00
CA GLU D 49 11.29 -3.97 10.87
C GLU D 49 10.16 -4.99 10.78
N GLY D 50 9.93 -5.49 9.57
CA GLY D 50 8.81 -6.39 9.33
C GLY D 50 9.16 -7.86 9.37
N GLY D 51 10.45 -8.18 9.45
CA GLY D 51 10.87 -9.57 9.59
C GLY D 51 10.71 -10.39 8.33
N MET D 52 10.47 -9.71 7.21
CA MET D 52 10.22 -10.35 5.94
C MET D 52 11.50 -10.72 5.22
N SER D 53 11.41 -11.65 4.27
CA SER D 53 12.58 -12.02 3.48
C SER D 53 12.60 -11.24 2.18
N PHE D 54 12.26 -9.97 2.25
CA PHE D 54 12.52 -9.11 1.12
C PHE D 54 12.93 -7.70 1.52
N ILE D 55 13.55 -7.02 0.58
CA ILE D 55 13.82 -5.60 0.69
C ILE D 55 13.19 -4.95 -0.53
N SER D 56 13.02 -3.63 -0.50
CA SER D 56 12.32 -2.98 -1.58
C SER D 56 12.80 -1.56 -1.86
N THR D 57 12.93 -1.23 -3.13
CA THR D 57 13.31 0.12 -3.54
C THR D 57 12.12 0.93 -4.04
N GLU D 58 10.91 0.45 -3.77
CA GLU D 58 9.74 1.09 -4.37
C GLU D 58 9.48 2.50 -3.84
N SER D 59 9.97 2.79 -2.64
CA SER D 59 9.77 4.10 -2.01
C SER D 59 10.78 5.18 -2.47
N LEU D 60 11.84 4.78 -3.18
CA LEU D 60 12.87 5.73 -3.61
C LEU D 60 12.45 6.57 -4.82
N ASN D 61 12.91 7.83 -4.91
CA ASN D 61 12.74 8.55 -6.16
C ASN D 61 13.89 8.22 -7.11
N SER D 62 13.96 8.90 -8.25
CA SER D 62 15.03 8.68 -9.23
C SER D 62 16.42 8.81 -8.63
N SER D 63 16.60 9.82 -7.77
CA SER D 63 17.85 10.06 -7.07
C SER D 63 18.23 8.92 -6.14
N GLY D 64 17.28 8.53 -5.29
CA GLY D 64 17.48 7.44 -4.35
C GLY D 64 17.78 6.14 -5.09
N LEU D 65 17.05 5.87 -6.17
CA LEU D 65 17.24 4.65 -6.93
C LEU D 65 18.59 4.65 -7.67
N SER D 66 19.06 5.83 -8.07
CA SER D 66 20.35 5.94 -8.76
C SER D 66 21.51 5.57 -7.83
N ILE D 67 21.43 6.10 -6.62
CA ILE D 67 22.37 5.76 -5.55
C ILE D 67 22.31 4.27 -5.15
N PHE D 68 21.11 3.70 -5.10
CA PHE D 68 21.00 2.29 -4.76
C PHE D 68 21.72 1.46 -5.80
N LEU D 69 21.43 1.75 -7.07
CA LEU D 69 22.07 1.07 -8.19
C LEU D 69 23.60 1.18 -8.13
N ALA D 70 24.11 2.39 -7.93
CA ALA D 70 25.56 2.58 -7.81
C ALA D 70 26.09 1.77 -6.63
N THR D 71 25.31 1.66 -5.56
CA THR D 71 25.71 0.86 -4.41
C THR D 71 25.73 -0.62 -4.77
N VAL D 72 24.70 -1.07 -5.48
CA VAL D 72 24.67 -2.46 -5.98
C VAL D 72 25.84 -2.77 -6.91
N MET D 73 26.14 -1.85 -7.81
CA MET D 73 27.26 -2.04 -8.74
C MET D 73 28.61 -2.13 -8.02
N ARG D 74 28.77 -1.35 -6.95
CA ARG D 74 29.96 -1.47 -6.11
C ARG D 74 30.05 -2.83 -5.43
N ALA D 75 28.93 -3.33 -4.94
CA ALA D 75 28.89 -4.68 -4.34
C ALA D 75 29.18 -5.78 -5.35
N ARG D 76 28.67 -5.64 -6.58
CA ARG D 76 28.93 -6.64 -7.60
C ARG D 76 30.40 -6.63 -8.03
N ALA D 77 30.94 -5.44 -8.26
CA ALA D 77 32.34 -5.31 -8.64
C ALA D 77 33.23 -5.90 -7.56
N ALA D 78 32.93 -5.58 -6.30
CA ALA D 78 33.74 -6.06 -5.19
C ALA D 78 33.73 -7.57 -5.04
N SER D 79 32.59 -8.19 -5.33
CA SER D 79 32.43 -9.63 -5.12
C SER D 79 32.99 -10.45 -6.29
N GLN D 80 33.38 -9.75 -7.35
CA GLN D 80 33.83 -10.40 -8.58
C GLN D 80 35.19 -11.08 -8.36
N ALA D 81 35.84 -10.76 -7.25
CA ALA D 81 37.13 -11.35 -6.90
C ALA D 81 36.96 -12.72 -6.26
N GLU D 82 35.94 -12.85 -5.42
CA GLU D 82 35.71 -14.07 -4.65
C GLU D 82 35.40 -15.26 -5.57
N GLU D 83 35.82 -16.44 -5.12
CA GLU D 83 35.65 -17.67 -5.90
C GLU D 83 34.17 -18.05 -5.92
N SER D 84 33.42 -17.54 -4.95
CA SER D 84 31.98 -17.78 -4.89
C SER D 84 31.23 -16.99 -5.95
N PHE D 85 31.92 -16.08 -6.63
CA PHE D 85 31.24 -15.18 -7.58
C PHE D 85 30.40 -15.84 -8.67
N PRO D 86 30.90 -16.94 -9.27
CA PRO D 86 30.05 -17.58 -10.28
C PRO D 86 28.69 -18.04 -9.76
N LEU D 87 28.59 -18.31 -8.47
CA LEU D 87 27.35 -18.78 -7.88
C LEU D 87 26.25 -17.72 -8.01
N TYR D 88 26.67 -16.46 -8.05
CA TYR D 88 25.76 -15.34 -7.86
C TYR D 88 25.74 -14.37 -9.03
N GLU D 89 26.65 -14.56 -9.98
CA GLU D 89 26.77 -13.63 -11.11
C GLU D 89 25.45 -13.42 -11.87
N ASN D 90 24.75 -14.49 -12.19
CA ASN D 90 23.46 -14.34 -12.86
C ASN D 90 22.47 -13.49 -12.07
N VAL D 91 22.39 -13.70 -10.75
CA VAL D 91 21.46 -12.88 -9.98
C VAL D 91 21.94 -11.44 -9.86
N TRP D 92 23.25 -11.22 -9.70
CA TRP D 92 23.80 -9.85 -9.72
C TRP D 92 23.33 -9.17 -10.99
N ASN D 93 23.51 -9.85 -12.12
CA ASN D 93 23.11 -9.32 -13.42
C ASN D 93 21.61 -9.04 -13.54
N GLN D 94 20.78 -9.90 -12.96
CA GLN D 94 19.34 -9.70 -13.03
C GLN D 94 18.93 -8.48 -12.24
N LEU D 95 19.50 -8.30 -11.04
CA LEU D 95 19.19 -7.15 -10.21
C LEU D 95 19.68 -5.84 -10.82
N VAL D 96 20.92 -5.83 -11.30
CA VAL D 96 21.46 -4.66 -12.00
C VAL D 96 20.59 -4.29 -13.19
N GLU D 97 20.25 -5.27 -13.99
CA GLU D 97 19.42 -5.06 -15.18
C GLU D 97 18.03 -4.50 -14.85
N LYS D 98 17.36 -5.09 -13.86
CA LYS D 98 16.03 -4.63 -13.52
C LYS D 98 16.03 -3.25 -12.87
N LEU D 99 17.08 -2.94 -12.12
CA LEU D 99 17.25 -1.59 -11.59
C LEU D 99 17.41 -0.56 -12.71
N ARG D 100 18.24 -0.90 -13.70
CA ARG D 100 18.50 -0.03 -14.84
C ARG D 100 17.27 0.17 -15.70
N GLN D 101 16.38 -0.82 -15.73
CA GLN D 101 15.21 -0.75 -16.61
C GLN D 101 14.06 0.03 -15.98
N ASP D 102 14.23 0.44 -14.73
CA ASP D 102 13.14 1.10 -14.00
C ASP D 102 12.85 2.47 -14.60
N ALA D 103 11.56 2.76 -14.79
CA ALA D 103 11.12 4.03 -15.35
C ALA D 103 11.71 5.27 -14.65
N ARG D 104 12.04 5.15 -13.37
CA ARG D 104 12.63 6.29 -12.65
C ARG D 104 13.99 6.66 -13.21
N LEU D 105 14.63 5.71 -13.90
CA LEU D 105 15.92 5.99 -14.54
C LEU D 105 15.76 6.15 -16.06
N GLY D 106 14.51 6.30 -16.51
CA GLY D 106 14.22 6.62 -17.89
C GLY D 106 13.93 8.10 -18.06
#